data_4W60
#
_entry.id   4W60
#
_cell.length_a   118.714
_cell.length_b   68.048
_cell.length_c   81.811
_cell.angle_alpha   90.00
_cell.angle_beta   90.00
_cell.angle_gamma   90.00
#
_symmetry.space_group_name_H-M   'P 21 21 2'
#
loop_
_entity.id
_entity.type
_entity.pdbx_description
1 polymer 'Late protein H7'
2 water water
#
_entity_poly.entity_id   1
_entity_poly.type   'polypeptide(L)'
_entity_poly.pdbx_seq_one_letter_code
;HMEMDKRMKSLAMTAFFGELSTLDIMALIMSIFKRHPNNTIFSVDKDGQFMIDFEYDNYKASQYLDLTLTPISGDECKTH
ASSIAEQLASVDIIKEDISEYIKTTPRLKRFIKKYRNRSDTRISRDTEKLKIALAKGIDYEYIKDAC
;
_entity_poly.pdbx_strand_id   A,B,C,D
#
# COMPACT_ATOMS: atom_id res chain seq x y z
N MET A 2 41.28 2.97 1.38
CA MET A 2 40.69 4.22 1.83
C MET A 2 39.31 4.44 1.20
N GLU A 3 38.44 3.44 1.33
CA GLU A 3 37.09 3.52 0.77
C GLU A 3 35.91 2.87 1.52
N MET A 4 34.80 3.61 1.50
CA MET A 4 33.44 3.11 1.72
C MET A 4 32.99 2.34 0.48
N ASP A 5 32.62 1.07 0.66
CA ASP A 5 32.20 0.19 -0.44
C ASP A 5 31.07 0.80 -1.27
N LYS A 6 31.31 0.99 -2.58
CA LYS A 6 30.31 1.66 -3.43
C LYS A 6 28.99 0.89 -3.51
N ARG A 7 29.09 -0.43 -3.64
CA ARG A 7 27.89 -1.24 -3.78
C ARG A 7 26.96 -1.10 -2.56
N MET A 8 27.54 -1.25 -1.37
CA MET A 8 26.75 -1.11 -0.17
C MET A 8 26.09 0.25 -0.10
N LYS A 9 26.86 1.29 -0.39
CA LYS A 9 26.34 2.64 -0.25
C LYS A 9 25.13 2.74 -1.15
N SER A 10 25.28 2.21 -2.36
CA SER A 10 24.20 2.32 -3.33
C SER A 10 22.94 1.63 -2.84
N LEU A 11 23.07 0.36 -2.46
CA LEU A 11 21.94 -0.37 -1.93
C LEU A 11 21.22 0.37 -0.81
N ALA A 12 21.99 0.95 0.11
CA ALA A 12 21.43 1.61 1.30
C ALA A 12 20.61 2.83 0.91
N MET A 13 21.03 3.44 -0.21
CA MET A 13 20.40 4.66 -0.66
C MET A 13 19.33 4.42 -1.70
N THR A 14 19.34 3.25 -2.33
CA THR A 14 18.35 2.91 -3.35
C THR A 14 17.35 1.86 -2.88
N ALA A 15 17.72 0.59 -3.06
CA ALA A 15 16.85 -0.54 -2.72
C ALA A 15 16.33 -0.53 -1.29
N PHE A 16 17.12 0.01 -0.36
CA PHE A 16 16.73 0.03 1.04
C PHE A 16 16.59 1.42 1.60
N PHE A 17 16.40 2.38 0.71
CA PHE A 17 16.32 3.77 1.11
C PHE A 17 15.40 3.91 2.33
N GLY A 18 15.94 4.49 3.40
CA GLY A 18 15.16 4.75 4.60
C GLY A 18 14.94 3.55 5.52
N GLU A 19 15.12 2.33 5.02
CA GLU A 19 14.92 1.14 5.86
C GLU A 19 16.03 0.86 6.85
N LEU A 20 17.21 1.46 6.68
CA LEU A 20 18.35 1.05 7.50
C LEU A 20 18.77 2.07 8.57
N SER A 21 19.00 1.55 9.76
CA SER A 21 19.53 2.35 10.86
C SER A 21 21.04 2.25 10.88
N THR A 22 21.63 3.04 11.74
CA THR A 22 23.06 3.07 11.88
C THR A 22 23.61 1.75 12.45
N LEU A 23 22.86 1.11 13.34
CA LEU A 23 23.24 -0.21 13.83
C LEU A 23 23.15 -1.25 12.72
N ASP A 24 22.11 -1.11 11.90
CA ASP A 24 21.97 -1.96 10.75
C ASP A 24 23.24 -1.98 9.91
N ILE A 25 23.78 -0.80 9.63
CA ILE A 25 24.92 -0.70 8.76
C ILE A 25 26.09 -1.34 9.43
N MET A 26 26.21 -1.09 10.72
CA MET A 26 27.29 -1.69 11.50
C MET A 26 27.24 -3.21 11.38
N ALA A 27 26.02 -3.75 11.46
CA ALA A 27 25.82 -5.19 11.35
C ALA A 27 26.24 -5.70 9.99
N LEU A 28 25.73 -5.07 8.93
CA LEU A 28 26.02 -5.52 7.57
C LEU A 28 27.51 -5.54 7.31
N ILE A 29 28.17 -4.47 7.74
CA ILE A 29 29.59 -4.36 7.56
C ILE A 29 30.31 -5.51 8.21
N MET A 30 29.87 -5.85 9.42
CA MET A 30 30.45 -6.98 10.14
C MET A 30 30.20 -8.24 9.34
N SER A 31 28.93 -8.48 9.03
CA SER A 31 28.50 -9.71 8.36
C SER A 31 29.20 -9.90 7.03
N ILE A 32 29.20 -8.85 6.22
CA ILE A 32 29.70 -8.94 4.85
C ILE A 32 31.23 -8.83 4.76
N PHE A 33 31.80 -7.85 5.45
CA PHE A 33 33.23 -7.62 5.34
C PHE A 33 33.98 -8.10 6.58
N LYS A 34 33.27 -8.76 7.48
CA LYS A 34 33.90 -9.21 8.72
C LYS A 34 34.82 -8.12 9.26
N ARG A 35 34.37 -6.87 9.23
CA ARG A 35 35.15 -5.76 9.80
C ARG A 35 34.34 -5.08 10.93
N HIS A 36 35.04 -4.67 11.99
CA HIS A 36 34.40 -4.13 13.18
C HIS A 36 34.75 -2.67 13.38
N PRO A 37 33.85 -1.92 14.06
CA PRO A 37 34.10 -0.49 14.31
C PRO A 37 35.35 -0.28 15.16
N ASN A 38 36.04 0.84 14.95
CA ASN A 38 37.14 1.19 15.82
C ASN A 38 36.58 1.74 17.11
N ASN A 39 35.41 2.34 17.01
CA ASN A 39 34.77 2.92 18.18
C ASN A 39 33.39 3.47 17.94
N THR A 40 32.81 4.00 18.99
CA THR A 40 31.40 4.30 19.03
C THR A 40 31.22 5.78 19.24
N ILE A 41 30.12 6.32 18.78
CA ILE A 41 29.90 7.75 18.92
C ILE A 41 28.42 8.06 19.21
N PHE A 42 28.12 8.48 20.43
CA PHE A 42 26.73 8.75 20.77
C PHE A 42 26.37 10.02 20.05
N SER A 43 25.26 9.99 19.32
CA SER A 43 24.97 11.13 18.44
C SER A 43 23.50 11.39 18.26
N VAL A 44 23.19 12.47 17.56
CA VAL A 44 21.78 12.79 17.33
C VAL A 44 21.59 13.49 15.98
N ASP A 45 20.42 13.28 15.37
CA ASP A 45 20.20 13.72 14.01
C ASP A 45 19.46 15.05 13.94
N LYS A 46 19.10 15.45 12.72
CA LYS A 46 18.35 16.69 12.49
C LYS A 46 17.17 16.80 13.45
N ASP A 47 16.29 15.81 13.45
CA ASP A 47 15.07 15.85 14.26
C ASP A 47 15.29 15.47 15.74
N GLY A 48 16.54 15.37 16.16
CA GLY A 48 16.84 15.03 17.55
C GLY A 48 16.56 13.60 17.98
N GLN A 49 16.51 12.67 17.01
CA GLN A 49 16.41 11.25 17.33
C GLN A 49 17.82 10.77 17.70
N PHE A 50 17.94 9.99 18.78
CA PHE A 50 19.26 9.55 19.22
C PHE A 50 19.76 8.33 18.43
N MET A 51 21.07 8.24 18.23
CA MET A 51 21.59 7.01 17.61
C MET A 51 23.08 6.84 17.77
N ILE A 52 23.49 5.63 18.14
CA ILE A 52 24.89 5.30 18.21
C ILE A 52 25.42 5.28 16.79
N ASP A 53 26.54 5.96 16.55
CA ASP A 53 27.22 5.86 15.28
C ASP A 53 28.46 4.99 15.43
N PHE A 54 29.09 4.62 14.33
CA PHE A 54 30.23 3.70 14.39
C PHE A 54 31.33 4.17 13.48
N GLU A 55 32.50 4.39 14.07
CA GLU A 55 33.63 4.95 13.34
C GLU A 55 34.57 3.85 12.85
N TYR A 56 34.94 3.93 11.57
CA TYR A 56 35.88 2.99 10.97
C TYR A 56 37.14 3.72 10.60
N ASP A 57 37.97 3.11 9.76
CA ASP A 57 39.22 3.70 9.32
C ASP A 57 39.09 5.21 9.10
N ASN A 58 38.30 5.59 8.10
CA ASN A 58 38.14 7.00 7.76
C ASN A 58 36.71 7.38 7.39
N TYR A 59 35.73 6.62 7.88
CA TYR A 59 34.33 6.92 7.61
C TYR A 59 33.43 6.40 8.70
N LYS A 60 32.29 7.05 8.86
CA LYS A 60 31.33 6.65 9.89
C LYS A 60 30.16 5.90 9.24
N ALA A 61 29.53 4.99 9.98
CA ALA A 61 28.43 4.21 9.43
C ALA A 61 27.33 5.15 8.95
N SER A 62 27.10 6.23 9.67
CA SER A 62 26.08 7.21 9.30
C SER A 62 26.27 7.75 7.86
N GLN A 63 27.47 7.57 7.33
CA GLN A 63 27.76 8.10 6.01
C GLN A 63 27.20 7.23 4.91
N TYR A 64 27.16 5.92 5.12
CA TYR A 64 26.44 5.04 4.19
C TYR A 64 24.98 5.44 4.03
N LEU A 65 24.47 6.25 4.95
CA LEU A 65 23.08 6.65 4.88
C LEU A 65 22.93 8.15 4.57
N ASP A 66 24.04 8.80 4.22
CA ASP A 66 24.08 10.25 3.96
C ASP A 66 23.38 10.97 5.09
N LEU A 67 23.88 10.77 6.30
CA LEU A 67 23.25 11.34 7.47
C LEU A 67 24.16 12.36 8.13
N THR A 68 23.53 13.44 8.63
CA THR A 68 24.30 14.46 9.30
C THR A 68 24.00 14.41 10.79
N LEU A 69 24.99 13.93 11.55
CA LEU A 69 24.84 13.76 12.98
C LEU A 69 25.77 14.65 13.77
N THR A 70 25.22 15.28 14.79
CA THR A 70 26.02 16.03 15.76
C THR A 70 26.24 15.13 16.98
N PRO A 71 27.48 15.17 17.53
CA PRO A 71 27.70 14.47 18.80
C PRO A 71 26.76 14.96 19.90
N ILE A 72 26.64 14.17 20.96
CA ILE A 72 25.62 14.43 21.96
C ILE A 72 26.16 15.28 23.09
N SER A 73 25.31 16.17 23.59
CA SER A 73 25.72 17.04 24.69
C SER A 73 25.35 16.38 26.02
N GLY A 74 26.18 16.60 27.04
CA GLY A 74 25.87 16.14 28.37
C GLY A 74 24.42 16.35 28.74
N ASP A 75 23.88 17.53 28.47
CA ASP A 75 22.50 17.84 28.82
C ASP A 75 21.52 16.90 28.13
N GLU A 76 21.83 16.56 26.89
CA GLU A 76 20.98 15.67 26.09
C GLU A 76 21.04 14.24 26.65
N CYS A 77 22.19 13.89 27.21
CA CYS A 77 22.45 12.55 27.70
C CYS A 77 21.40 12.06 28.69
N LYS A 78 20.82 12.97 29.45
CA LYS A 78 19.70 12.59 30.29
C LYS A 78 18.44 12.34 29.46
N THR A 79 18.22 13.19 28.46
CA THR A 79 17.02 13.06 27.61
C THR A 79 16.96 11.72 26.86
N HIS A 80 18.12 11.13 26.61
CA HIS A 80 18.18 9.95 25.76
C HIS A 80 18.59 8.67 26.48
N ALA A 81 18.73 8.73 27.80
CA ALA A 81 19.15 7.57 28.58
C ALA A 81 18.45 6.32 28.10
N SER A 82 17.14 6.42 27.90
CA SER A 82 16.32 5.31 27.48
C SER A 82 16.79 4.69 26.17
N SER A 83 16.87 5.50 25.13
CA SER A 83 17.33 5.05 23.82
C SER A 83 18.75 4.50 23.89
N ILE A 84 19.60 5.18 24.64
CA ILE A 84 20.99 4.78 24.76
C ILE A 84 21.07 3.32 25.22
N ALA A 85 20.15 2.95 26.12
CA ALA A 85 20.15 1.60 26.65
C ALA A 85 19.72 0.63 25.57
N GLU A 86 18.55 0.88 24.98
CA GLU A 86 18.08 0.04 23.89
C GLU A 86 19.21 -0.25 22.93
N GLN A 87 19.82 0.80 22.42
CA GLN A 87 20.79 0.61 21.37
C GLN A 87 22.04 -0.09 21.83
N LEU A 88 22.51 0.25 23.01
CA LEU A 88 23.65 -0.45 23.58
C LEU A 88 23.38 -1.93 23.71
N ALA A 89 22.11 -2.27 23.97
CA ALA A 89 21.68 -3.65 24.10
C ALA A 89 21.81 -4.34 22.75
N SER A 90 21.19 -3.72 21.76
CA SER A 90 21.22 -4.26 20.41
C SER A 90 22.64 -4.57 19.95
N VAL A 91 23.53 -3.61 20.14
CA VAL A 91 24.90 -3.81 19.76
C VAL A 91 25.46 -5.07 20.36
N ASP A 92 25.09 -5.35 21.60
CA ASP A 92 25.66 -6.52 22.26
C ASP A 92 25.11 -7.74 21.57
N ILE A 93 23.79 -7.77 21.41
CA ILE A 93 23.16 -8.87 20.70
C ILE A 93 23.77 -9.08 19.32
N ILE A 94 24.00 -8.00 18.60
CA ILE A 94 24.69 -8.11 17.33
C ILE A 94 26.08 -8.69 17.53
N LYS A 95 26.88 -8.09 18.42
CA LYS A 95 28.25 -8.55 18.59
C LYS A 95 28.28 -10.03 18.98
N GLU A 96 27.20 -10.47 19.61
CA GLU A 96 27.14 -11.81 20.22
C GLU A 96 27.03 -12.92 19.20
N ASP A 97 26.12 -12.76 18.26
CA ASP A 97 25.97 -13.72 17.19
C ASP A 97 25.48 -13.01 15.93
N ILE A 98 26.43 -12.51 15.15
CA ILE A 98 26.10 -11.74 13.96
C ILE A 98 25.27 -12.58 13.02
N SER A 99 25.76 -13.77 12.74
CA SER A 99 25.11 -14.69 11.86
C SER A 99 23.64 -14.84 12.24
N GLU A 100 23.39 -15.06 13.52
CA GLU A 100 22.02 -15.21 13.98
C GLU A 100 21.25 -13.90 13.78
N TYR A 101 21.88 -12.78 14.07
CA TYR A 101 21.21 -11.49 13.96
C TYR A 101 20.71 -11.26 12.55
N ILE A 102 21.53 -11.61 11.57
CA ILE A 102 21.14 -11.48 10.18
C ILE A 102 19.94 -12.36 9.83
N LYS A 103 20.05 -13.67 10.10
CA LYS A 103 18.96 -14.62 9.83
C LYS A 103 17.65 -14.12 10.43
N THR A 104 17.76 -13.54 11.62
CA THR A 104 16.60 -13.15 12.42
C THR A 104 15.98 -11.86 11.98
N THR A 105 16.74 -11.04 11.25
CA THR A 105 16.26 -9.72 10.88
C THR A 105 16.04 -9.63 9.37
N PRO A 106 14.78 -9.67 8.96
CA PRO A 106 14.41 -9.80 7.54
C PRO A 106 15.10 -8.77 6.67
N ARG A 107 14.96 -7.49 7.03
CA ARG A 107 15.58 -6.45 6.21
C ARG A 107 17.07 -6.77 5.92
N LEU A 108 17.78 -7.28 6.90
CA LEU A 108 19.19 -7.54 6.73
C LEU A 108 19.43 -8.77 5.88
N LYS A 109 18.58 -9.78 6.01
CA LYS A 109 18.74 -10.96 5.19
C LYS A 109 18.60 -10.58 3.71
N ARG A 110 17.52 -9.86 3.39
CA ARG A 110 17.27 -9.33 2.03
C ARG A 110 18.49 -8.62 1.49
N PHE A 111 18.97 -7.65 2.24
CA PHE A 111 20.10 -6.86 1.84
C PHE A 111 21.30 -7.75 1.51
N ILE A 112 21.59 -8.71 2.37
CA ILE A 112 22.68 -9.60 2.02
C ILE A 112 22.39 -10.31 0.71
N LYS A 113 21.16 -10.77 0.53
CA LYS A 113 20.80 -11.41 -0.74
C LYS A 113 21.07 -10.41 -1.88
N LYS A 114 20.31 -9.32 -1.93
CA LYS A 114 20.48 -8.36 -3.03
C LYS A 114 21.95 -7.97 -3.19
N TYR A 115 22.72 -8.00 -2.12
CA TYR A 115 24.13 -7.60 -2.22
C TYR A 115 24.94 -8.60 -3.03
N ARG A 116 24.56 -9.86 -2.95
CA ARG A 116 25.25 -10.93 -3.68
C ARG A 116 24.59 -11.25 -5.02
N ASN A 117 24.68 -10.30 -5.96
CA ASN A 117 24.22 -10.47 -7.33
C ASN A 117 25.33 -10.26 -8.38
N ARG A 118 25.50 -11.25 -9.26
CA ARG A 118 26.39 -11.10 -10.40
C ARG A 118 25.75 -10.22 -11.47
N MET B 2 -1.31 12.80 -9.85
CA MET B 2 -1.13 14.00 -9.05
C MET B 2 -2.34 14.92 -9.16
N GLU B 3 -3.23 14.60 -10.10
CA GLU B 3 -4.43 15.41 -10.33
C GLU B 3 -5.71 14.72 -9.90
N MET B 4 -6.65 15.51 -9.36
CA MET B 4 -7.95 14.98 -8.98
C MET B 4 -8.54 14.23 -10.16
N ASP B 5 -8.88 12.96 -9.94
CA ASP B 5 -9.35 12.10 -11.03
C ASP B 5 -10.49 12.73 -11.84
N LYS B 6 -10.27 12.93 -13.13
CA LYS B 6 -11.26 13.65 -13.93
C LYS B 6 -12.60 12.94 -13.98
N ARG B 7 -12.57 11.61 -14.08
CA ARG B 7 -13.82 10.86 -14.20
C ARG B 7 -14.69 11.03 -12.95
N MET B 8 -14.08 10.86 -11.78
CA MET B 8 -14.82 11.04 -10.55
C MET B 8 -15.41 12.43 -10.43
N LYS B 9 -14.61 13.44 -10.79
CA LYS B 9 -15.05 14.79 -10.64
C LYS B 9 -16.30 14.94 -11.47
N SER B 10 -16.23 14.42 -12.69
CA SER B 10 -17.33 14.56 -13.62
C SER B 10 -18.61 13.95 -13.08
N LEU B 11 -18.54 12.68 -12.72
CA LEU B 11 -19.68 12.00 -12.15
C LEU B 11 -20.32 12.77 -10.99
N ALA B 12 -19.48 13.26 -10.08
CA ALA B 12 -19.97 13.95 -8.89
C ALA B 12 -20.71 15.22 -9.25
N MET B 13 -20.30 15.84 -10.35
CA MET B 13 -20.91 17.08 -10.78
C MET B 13 -22.05 16.89 -11.78
N THR B 14 -22.10 15.73 -12.44
CA THR B 14 -23.15 15.44 -13.44
C THR B 14 -24.17 14.42 -12.93
N ALA B 15 -23.88 13.15 -13.15
CA ALA B 15 -24.78 12.07 -12.77
C ALA B 15 -25.25 12.09 -11.32
N PHE B 16 -24.41 12.60 -10.42
CA PHE B 16 -24.76 12.60 -9.00
C PHE B 16 -24.79 14.00 -8.43
N PHE B 17 -24.93 14.98 -9.32
CA PHE B 17 -24.95 16.37 -8.91
C PHE B 17 -25.83 16.54 -7.68
N GLY B 18 -25.21 17.05 -6.61
CA GLY B 18 -25.93 17.34 -5.39
C GLY B 18 -26.20 16.19 -4.47
N GLU B 19 -26.06 14.96 -4.96
CA GLU B 19 -26.33 13.79 -4.12
C GLU B 19 -25.18 13.47 -3.16
N LEU B 20 -23.99 14.03 -3.38
CA LEU B 20 -22.85 13.57 -2.60
C LEU B 20 -22.36 14.55 -1.53
N SER B 21 -22.10 14.01 -0.35
CA SER B 21 -21.47 14.76 0.71
C SER B 21 -19.96 14.56 0.70
N THR B 22 -19.30 15.29 1.56
CA THR B 22 -17.88 15.29 1.60
C THR B 22 -17.37 13.96 2.14
N LEU B 23 -18.09 13.35 3.07
CA LEU B 23 -17.75 12.01 3.54
C LEU B 23 -17.95 11.00 2.43
N ASP B 24 -18.98 11.22 1.63
CA ASP B 24 -19.24 10.35 0.51
C ASP B 24 -18.02 10.29 -0.37
N ILE B 25 -17.46 11.44 -0.70
CA ILE B 25 -16.32 11.50 -1.58
C ILE B 25 -15.15 10.77 -0.95
N MET B 26 -14.96 10.99 0.34
CA MET B 26 -13.88 10.35 1.09
C MET B 26 -14.02 8.83 0.98
N ALA B 27 -15.25 8.37 1.07
CA ALA B 27 -15.55 6.94 0.95
C ALA B 27 -15.19 6.42 -0.43
N LEU B 28 -15.73 7.04 -1.45
CA LEU B 28 -15.49 6.62 -2.83
C LEU B 28 -14.01 6.55 -3.14
N ILE B 29 -13.28 7.56 -2.73
CA ILE B 29 -11.85 7.60 -2.97
C ILE B 29 -11.17 6.40 -2.33
N MET B 30 -11.60 6.07 -1.13
CA MET B 30 -11.04 4.94 -0.42
C MET B 30 -11.38 3.68 -1.21
N SER B 31 -12.66 3.54 -1.52
CA SER B 31 -13.17 2.32 -2.15
C SER B 31 -12.57 2.09 -3.51
N ILE B 32 -12.51 3.14 -4.31
CA ILE B 32 -12.07 3.05 -5.69
C ILE B 32 -10.55 3.08 -5.85
N PHE B 33 -9.89 4.03 -5.18
CA PHE B 33 -8.45 4.18 -5.33
C PHE B 33 -7.67 3.66 -4.12
N LYS B 34 -8.39 3.05 -3.19
CA LYS B 34 -7.74 2.56 -1.98
C LYS B 34 -6.77 3.61 -1.45
N ARG B 35 -7.17 4.88 -1.49
CA ARG B 35 -6.35 5.95 -0.94
C ARG B 35 -7.08 6.64 0.22
N HIS B 36 -6.33 7.02 1.25
CA HIS B 36 -6.87 7.59 2.48
C HIS B 36 -6.43 9.03 2.67
N PRO B 37 -7.25 9.83 3.40
CA PRO B 37 -6.93 11.24 3.64
C PRO B 37 -5.65 11.37 4.44
N ASN B 38 -4.91 12.45 4.23
CA ASN B 38 -3.76 12.76 5.07
C ASN B 38 -4.24 13.34 6.37
N ASN B 39 -5.41 13.97 6.34
CA ASN B 39 -5.97 14.58 7.54
C ASN B 39 -7.34 15.17 7.33
N THR B 40 -7.85 15.77 8.38
CA THR B 40 -9.24 16.11 8.47
C THR B 40 -9.34 17.61 8.72
N ILE B 41 -10.45 18.21 8.33
CA ILE B 41 -10.59 19.65 8.45
C ILE B 41 -12.02 20.02 8.77
N PHE B 42 -12.27 20.43 10.01
CA PHE B 42 -13.63 20.79 10.40
C PHE B 42 -13.97 22.09 9.68
N SER B 43 -15.09 22.11 8.97
CA SER B 43 -15.38 23.25 8.11
C SER B 43 -16.83 23.62 8.00
N VAL B 44 -17.11 24.70 7.29
CA VAL B 44 -18.51 25.08 7.11
C VAL B 44 -18.74 25.81 5.78
N ASP B 45 -19.93 25.62 5.21
CA ASP B 45 -20.18 26.08 3.85
C ASP B 45 -20.84 27.47 3.81
N LYS B 46 -21.21 27.89 2.61
CA LYS B 46 -21.93 29.16 2.41
C LYS B 46 -23.06 29.32 3.43
N ASP B 47 -23.98 28.37 3.46
CA ASP B 47 -25.17 28.45 4.31
C ASP B 47 -24.94 28.03 5.76
N GLY B 48 -23.67 27.88 6.14
CA GLY B 48 -23.32 27.53 7.50
C GLY B 48 -23.64 26.11 7.93
N GLN B 49 -23.78 25.20 6.97
CA GLN B 49 -23.93 23.79 7.29
C GLN B 49 -22.53 23.23 7.58
N PHE B 50 -22.40 22.44 8.65
CA PHE B 50 -21.08 21.95 9.05
C PHE B 50 -20.70 20.73 8.25
N MET B 51 -19.41 20.56 7.98
CA MET B 51 -18.96 19.31 7.37
C MET B 51 -17.46 19.05 7.47
N ILE B 52 -17.10 17.84 7.87
CA ILE B 52 -15.71 17.42 7.88
C ILE B 52 -15.23 17.36 6.45
N ASP B 53 -14.11 18.02 6.16
CA ASP B 53 -13.47 17.90 4.86
C ASP B 53 -12.26 16.97 4.98
N PHE B 54 -11.71 16.54 3.85
CA PHE B 54 -10.60 15.60 3.88
C PHE B 54 -9.52 16.02 2.93
N GLU B 55 -8.33 16.20 3.48
CA GLU B 55 -7.20 16.70 2.71
C GLU B 55 -6.34 15.56 2.18
N TYR B 56 -6.01 15.61 0.89
CA TYR B 56 -5.13 14.62 0.29
C TYR B 56 -3.83 15.30 -0.14
N ASP B 57 -3.04 14.66 -1.00
CA ASP B 57 -1.80 15.25 -1.49
C ASP B 57 -1.83 16.72 -1.85
N ASN B 58 -2.62 17.09 -2.85
CA ASN B 58 -2.82 18.49 -3.16
C ASN B 58 -4.24 18.91 -3.48
N TYR B 59 -5.20 18.32 -2.78
CA TYR B 59 -6.60 18.65 -3.02
C TYR B 59 -7.49 18.16 -1.89
N LYS B 60 -8.60 18.84 -1.68
CA LYS B 60 -9.52 18.46 -0.64
C LYS B 60 -10.75 17.79 -1.25
N ALA B 61 -11.38 16.90 -0.51
CA ALA B 61 -12.55 16.22 -1.02
C ALA B 61 -13.60 17.21 -1.47
N SER B 62 -13.79 18.27 -0.71
CA SER B 62 -14.75 19.31 -1.06
C SER B 62 -14.56 19.81 -2.49
N GLN B 63 -13.40 19.58 -3.08
CA GLN B 63 -13.13 20.11 -4.39
C GLN B 63 -13.78 19.29 -5.50
N TYR B 64 -13.95 18.00 -5.27
CA TYR B 64 -14.69 17.17 -6.20
C TYR B 64 -16.13 17.63 -6.29
N LEU B 65 -16.54 18.46 -5.34
CA LEU B 65 -17.92 18.95 -5.34
C LEU B 65 -18.01 20.45 -5.64
N ASP B 66 -16.90 21.04 -6.09
CA ASP B 66 -16.80 22.49 -6.32
C ASP B 66 -17.44 23.23 -5.17
N LEU B 67 -16.91 23.00 -3.99
CA LEU B 67 -17.45 23.60 -2.79
C LEU B 67 -16.47 24.58 -2.16
N THR B 68 -17.01 25.68 -1.66
CA THR B 68 -16.18 26.65 -1.00
C THR B 68 -16.44 26.63 0.49
N LEU B 69 -15.46 26.09 1.22
CA LEU B 69 -15.57 25.90 2.66
C LEU B 69 -14.57 26.75 3.42
N THR B 70 -15.05 27.40 4.47
CA THR B 70 -14.19 28.10 5.39
C THR B 70 -13.95 27.17 6.58
N PRO B 71 -12.71 27.18 7.12
CA PRO B 71 -12.46 26.49 8.39
C PRO B 71 -13.34 27.01 9.53
N ILE B 72 -13.48 26.21 10.58
CA ILE B 72 -14.46 26.50 11.61
C ILE B 72 -13.85 27.32 12.71
N SER B 73 -14.64 28.26 13.25
CA SER B 73 -14.17 29.10 14.33
C SER B 73 -14.52 28.47 15.67
N GLY B 74 -13.64 28.64 16.66
CA GLY B 74 -13.94 28.17 18.00
C GLY B 74 -15.37 28.45 18.42
N ASP B 75 -15.86 29.64 18.12
CA ASP B 75 -17.19 30.01 18.60
C ASP B 75 -18.26 29.20 17.89
N GLU B 76 -17.96 28.78 16.67
CA GLU B 76 -18.87 27.96 15.89
C GLU B 76 -18.86 26.53 16.44
N CYS B 77 -17.71 26.12 16.95
CA CYS B 77 -17.51 24.75 17.40
C CYS B 77 -18.57 24.33 18.41
N LYS B 78 -19.09 25.28 19.18
CA LYS B 78 -20.20 24.97 20.09
C LYS B 78 -21.48 24.76 19.31
N THR B 79 -21.69 25.60 18.31
CA THR B 79 -22.92 25.54 17.52
C THR B 79 -23.08 24.22 16.77
N HIS B 80 -21.96 23.55 16.49
CA HIS B 80 -21.97 22.37 15.64
C HIS B 80 -21.61 21.06 16.33
N ALA B 81 -21.43 21.11 17.65
CA ALA B 81 -21.03 19.95 18.43
C ALA B 81 -21.80 18.73 17.98
N SER B 82 -23.11 18.90 17.84
CA SER B 82 -23.99 17.83 17.43
C SER B 82 -23.57 17.18 16.11
N SER B 83 -23.53 17.98 15.04
CA SER B 83 -23.11 17.49 13.74
C SER B 83 -21.70 16.90 13.75
N ILE B 84 -20.79 17.55 14.47
CA ILE B 84 -19.43 17.07 14.56
C ILE B 84 -19.41 15.61 15.01
N ALA B 85 -20.32 15.27 15.91
CA ALA B 85 -20.34 13.93 16.45
C ALA B 85 -20.85 12.98 15.39
N GLU B 86 -22.02 13.30 14.84
CA GLU B 86 -22.59 12.47 13.79
C GLU B 86 -21.51 12.15 12.79
N GLN B 87 -20.88 13.17 12.24
CA GLN B 87 -19.95 12.93 11.14
C GLN B 87 -18.73 12.15 11.58
N LEU B 88 -18.22 12.48 12.76
CA LEU B 88 -17.08 11.75 13.29
C LEU B 88 -17.39 10.28 13.41
N ALA B 89 -18.65 9.98 13.74
CA ALA B 89 -19.13 8.61 13.86
C ALA B 89 -19.09 7.93 12.51
N SER B 90 -19.75 8.55 11.54
CA SER B 90 -19.78 8.03 10.19
C SER B 90 -18.37 7.67 9.72
N VAL B 91 -17.44 8.58 9.90
CA VAL B 91 -16.10 8.33 9.45
C VAL B 91 -15.56 7.04 10.02
N ASP B 92 -15.89 6.78 11.27
CA ASP B 92 -15.35 5.58 11.89
C ASP B 92 -15.99 4.38 11.23
N ILE B 93 -17.32 4.42 11.09
CA ILE B 93 -18.02 3.36 10.41
C ILE B 93 -17.43 3.11 9.03
N ILE B 94 -17.17 4.19 8.29
CA ILE B 94 -16.56 4.06 6.98
C ILE B 94 -15.18 3.42 7.11
N LYS B 95 -14.32 3.98 7.95
CA LYS B 95 -12.98 3.43 8.10
C LYS B 95 -13.01 1.97 8.48
N GLU B 96 -14.04 1.57 9.21
CA GLU B 96 -14.15 0.23 9.79
C GLU B 96 -14.35 -0.87 8.76
N ASP B 97 -15.28 -0.67 7.84
CA ASP B 97 -15.52 -1.63 6.77
C ASP B 97 -16.03 -0.87 5.54
N ILE B 98 -15.10 -0.41 4.73
CA ILE B 98 -15.47 0.38 3.56
C ILE B 98 -16.35 -0.41 2.63
N SER B 99 -15.92 -1.63 2.35
CA SER B 99 -16.67 -2.52 1.49
C SER B 99 -18.13 -2.61 1.95
N GLU B 100 -18.34 -2.81 3.24
CA GLU B 100 -19.69 -2.90 3.74
C GLU B 100 -20.41 -1.56 3.57
N TYR B 101 -19.70 -0.47 3.82
CA TYR B 101 -20.33 0.83 3.73
C TYR B 101 -20.87 1.09 2.34
N ILE B 102 -20.10 0.70 1.33
CA ILE B 102 -20.54 0.87 -0.04
C ILE B 102 -21.78 0.06 -0.34
N LYS B 103 -21.72 -1.26 -0.09
CA LYS B 103 -22.87 -2.13 -0.33
C LYS B 103 -24.12 -1.59 0.32
N THR B 104 -23.95 -1.02 1.51
CA THR B 104 -25.05 -0.59 2.35
C THR B 104 -25.64 0.75 1.92
N THR B 105 -24.86 1.52 1.16
CA THR B 105 -25.30 2.86 0.82
C THR B 105 -25.57 2.96 -0.67
N PRO B 106 -26.84 2.96 -1.04
CA PRO B 106 -27.24 2.85 -2.44
C PRO B 106 -26.56 3.87 -3.32
N ARG B 107 -26.61 5.15 -2.95
CA ARG B 107 -25.99 6.17 -3.78
C ARG B 107 -24.54 5.78 -4.14
N LEU B 108 -23.81 5.24 -3.18
CA LEU B 108 -22.42 4.91 -3.42
C LEU B 108 -22.27 3.68 -4.29
N LYS B 109 -23.15 2.71 -4.12
CA LYS B 109 -23.10 1.51 -4.95
C LYS B 109 -23.28 1.95 -6.41
N ARG B 110 -24.34 2.72 -6.67
CA ARG B 110 -24.59 3.24 -8.01
C ARG B 110 -23.35 3.87 -8.60
N PHE B 111 -22.80 4.82 -7.85
CA PHE B 111 -21.66 5.57 -8.30
C PHE B 111 -20.55 4.62 -8.70
N ILE B 112 -20.26 3.62 -7.87
CA ILE B 112 -19.22 2.69 -8.26
C ILE B 112 -19.58 1.98 -9.55
N LYS B 113 -20.85 1.61 -9.70
CA LYS B 113 -21.27 0.99 -10.94
C LYS B 113 -20.98 1.97 -12.06
N LYS B 114 -21.65 3.13 -12.05
CA LYS B 114 -21.50 4.07 -13.16
C LYS B 114 -20.05 4.43 -13.43
N TYR B 115 -19.22 4.37 -12.39
CA TYR B 115 -17.81 4.69 -12.55
C TYR B 115 -17.09 3.67 -13.39
N ARG B 116 -17.51 2.41 -13.30
CA ARG B 116 -16.89 1.30 -14.04
C ARG B 116 -17.61 1.03 -15.36
N ASN B 117 -17.52 1.97 -16.29
CA ASN B 117 -18.02 1.80 -17.67
C ASN B 117 -16.93 1.94 -18.74
N MET C 2 5.32 19.38 -16.01
CA MET C 2 4.26 19.73 -15.05
C MET C 2 3.72 18.63 -14.11
N GLU C 3 3.14 17.58 -14.67
CA GLU C 3 2.42 16.59 -13.88
C GLU C 3 3.22 15.33 -13.59
N MET C 4 3.07 14.81 -12.38
CA MET C 4 3.78 13.59 -11.97
C MET C 4 3.47 13.33 -10.50
N ASP C 5 3.80 12.13 -10.04
CA ASP C 5 3.58 11.76 -8.64
C ASP C 5 4.96 11.72 -8.00
N LYS C 6 5.16 12.52 -6.96
CA LYS C 6 6.44 12.57 -6.26
C LYS C 6 6.77 11.24 -5.61
N ARG C 7 5.77 10.62 -5.00
CA ARG C 7 5.95 9.34 -4.33
C ARG C 7 6.39 8.29 -5.31
N MET C 8 5.69 8.20 -6.45
CA MET C 8 6.03 7.23 -7.47
C MET C 8 7.45 7.45 -8.03
N LYS C 9 7.80 8.70 -8.29
CA LYS C 9 9.11 8.98 -8.80
C LYS C 9 10.14 8.45 -7.80
N SER C 10 9.92 8.71 -6.52
CA SER C 10 10.85 8.28 -5.49
C SER C 10 11.04 6.75 -5.45
N LEU C 11 9.93 6.03 -5.32
CA LEU C 11 9.99 4.58 -5.32
C LEU C 11 10.77 4.08 -6.53
N ALA C 12 10.48 4.62 -7.71
CA ALA C 12 11.11 4.13 -8.94
C ALA C 12 12.61 4.35 -8.92
N MET C 13 13.02 5.40 -8.25
CA MET C 13 14.44 5.69 -8.18
C MET C 13 15.15 5.12 -6.94
N THR C 14 14.39 4.71 -5.93
CA THR C 14 14.97 4.15 -4.71
C THR C 14 14.69 2.66 -4.58
N ALA C 15 13.52 2.33 -4.02
CA ALA C 15 13.14 0.95 -3.74
C ALA C 15 13.20 0.04 -4.97
N PHE C 16 12.96 0.59 -6.16
CA PHE C 16 12.93 -0.24 -7.35
C PHE C 16 13.94 0.24 -8.37
N PHE C 17 14.95 0.95 -7.89
CA PHE C 17 15.97 1.48 -8.77
C PHE C 17 16.42 0.45 -9.76
N GLY C 18 16.31 0.76 -11.04
CA GLY C 18 16.72 -0.15 -12.08
C GLY C 18 15.77 -1.30 -12.45
N GLU C 19 14.82 -1.63 -11.59
CA GLU C 19 13.93 -2.74 -11.87
C GLU C 19 12.82 -2.39 -12.85
N LEU C 20 12.58 -1.10 -13.10
CA LEU C 20 11.39 -0.74 -13.88
C LEU C 20 11.68 -0.28 -15.32
N SER C 21 10.88 -0.78 -16.24
CA SER C 21 10.94 -0.37 -17.63
C SER C 21 9.89 0.69 -17.88
N THR C 22 9.95 1.26 -19.08
CA THR C 22 9.06 2.33 -19.41
C THR C 22 7.60 1.84 -19.49
N LEU C 23 7.41 0.59 -19.91
CA LEU C 23 6.07 0.01 -19.95
C LEU C 23 5.60 -0.21 -18.53
N ASP C 24 6.55 -0.54 -17.68
CA ASP C 24 6.22 -0.77 -16.28
C ASP C 24 5.59 0.47 -15.70
N ILE C 25 6.22 1.62 -15.95
CA ILE C 25 5.71 2.86 -15.43
C ILE C 25 4.32 3.16 -15.98
N MET C 26 4.16 2.93 -17.29
CA MET C 26 2.90 3.15 -17.97
C MET C 26 1.80 2.33 -17.28
N ALA C 27 2.16 1.11 -16.90
CA ALA C 27 1.25 0.20 -16.23
C ALA C 27 0.85 0.71 -14.86
N LEU C 28 1.84 1.00 -14.03
CA LEU C 28 1.60 1.49 -12.70
C LEU C 28 0.70 2.73 -12.71
N ILE C 29 1.01 3.65 -13.62
CA ILE C 29 0.23 4.87 -13.71
C ILE C 29 -1.22 4.57 -13.99
N MET C 30 -1.44 3.59 -14.86
CA MET C 30 -2.78 3.18 -15.20
C MET C 30 -3.45 2.57 -13.98
N SER C 31 -2.77 1.61 -13.39
CA SER C 31 -3.29 0.88 -12.25
C SER C 31 -3.60 1.78 -11.06
N ILE C 32 -2.66 2.65 -10.73
CA ILE C 32 -2.77 3.45 -9.53
C ILE C 32 -3.63 4.69 -9.72
N PHE C 33 -3.39 5.43 -10.81
CA PHE C 33 -4.08 6.69 -11.05
C PHE C 33 -5.17 6.57 -12.10
N LYS C 34 -5.41 5.36 -12.55
CA LYS C 34 -6.36 5.13 -13.64
C LYS C 34 -6.21 6.20 -14.72
N ARG C 35 -4.97 6.52 -15.06
CA ARG C 35 -4.69 7.49 -16.13
C ARG C 35 -3.97 6.80 -17.28
N HIS C 36 -4.32 7.21 -18.50
CA HIS C 36 -3.72 6.62 -19.72
C HIS C 36 -2.88 7.63 -20.49
N PRO C 37 -1.90 7.14 -21.26
CA PRO C 37 -1.02 8.00 -22.05
C PRO C 37 -1.81 8.76 -23.10
N ASN C 38 -1.37 9.97 -23.46
CA ASN C 38 -1.96 10.68 -24.57
C ASN C 38 -1.44 10.11 -25.87
N ASN C 39 -0.23 9.57 -25.82
CA ASN C 39 0.35 8.96 -27.00
C ASN C 39 1.68 8.28 -26.75
N THR C 40 2.25 7.75 -27.82
CA THR C 40 3.31 6.80 -27.72
C THR C 40 4.48 7.38 -28.47
N ILE C 41 5.69 6.99 -28.08
CA ILE C 41 6.87 7.53 -28.71
C ILE C 41 7.96 6.50 -28.85
N PHE C 42 8.19 6.04 -30.07
CA PHE C 42 9.23 5.04 -30.29
C PHE C 42 10.58 5.68 -30.03
N SER C 43 11.38 5.10 -29.15
CA SER C 43 12.60 5.76 -28.73
C SER C 43 13.80 4.86 -28.47
N VAL C 44 14.92 5.47 -28.18
CA VAL C 44 16.08 4.66 -27.87
C VAL C 44 17.03 5.36 -26.89
N ASP C 45 17.69 4.57 -26.05
CA ASP C 45 18.44 5.12 -24.92
C ASP C 45 19.92 5.29 -25.24
N LYS C 46 20.69 5.67 -24.22
CA LYS C 46 22.13 5.85 -24.38
C LYS C 46 22.76 4.67 -25.12
N ASP C 47 22.54 3.45 -24.61
CA ASP C 47 23.19 2.27 -25.15
C ASP C 47 22.48 1.69 -26.37
N GLY C 48 21.55 2.44 -26.94
CA GLY C 48 20.81 1.98 -28.11
C GLY C 48 19.80 0.85 -27.90
N GLN C 49 19.34 0.67 -26.68
CA GLN C 49 18.28 -0.29 -26.41
C GLN C 49 16.95 0.40 -26.77
N PHE C 50 16.10 -0.30 -27.50
CA PHE C 50 14.83 0.32 -27.92
C PHE C 50 13.77 0.31 -26.83
N MET C 51 12.95 1.35 -26.78
CA MET C 51 11.79 1.30 -25.88
C MET C 51 10.69 2.31 -26.18
N ILE C 52 9.45 1.83 -26.15
CA ILE C 52 8.29 2.70 -26.33
C ILE C 52 8.21 3.58 -25.10
N ASP C 53 8.10 4.88 -25.32
CA ASP C 53 7.87 5.82 -24.23
C ASP C 53 6.40 6.25 -24.21
N PHE C 54 5.96 6.88 -23.14
CA PHE C 54 4.55 7.25 -23.05
C PHE C 54 4.38 8.67 -22.56
N GLU C 55 3.72 9.48 -23.39
CA GLU C 55 3.59 10.89 -23.12
C GLU C 55 2.26 11.18 -22.43
N TYR C 56 2.34 11.96 -21.36
CA TYR C 56 1.16 12.39 -20.61
C TYR C 56 0.98 13.89 -20.77
N ASP C 57 0.19 14.50 -19.89
CA ASP C 57 -0.02 15.95 -19.97
C ASP C 57 1.24 16.77 -20.22
N ASN C 58 2.16 16.72 -19.27
CA ASN C 58 3.48 17.34 -19.43
C ASN C 58 4.57 16.54 -18.72
N TYR C 59 4.76 15.30 -19.15
CA TYR C 59 5.75 14.43 -18.52
C TYR C 59 5.71 13.14 -19.35
N LYS C 60 6.87 12.58 -19.65
CA LYS C 60 6.96 11.27 -20.28
C LYS C 60 7.24 10.23 -19.21
N ALA C 61 6.78 9.00 -19.40
CA ALA C 61 7.05 7.93 -18.43
C ALA C 61 8.55 7.78 -18.19
N SER C 62 9.36 7.87 -19.24
CA SER C 62 10.81 7.79 -19.10
C SER C 62 11.37 8.74 -18.07
N GLN C 63 10.59 9.75 -17.71
CA GLN C 63 11.07 10.73 -16.74
C GLN C 63 10.99 10.23 -15.30
N TYR C 64 9.99 9.43 -14.97
CA TYR C 64 9.98 8.78 -13.68
C TYR C 64 11.22 7.94 -13.48
N LEU C 65 11.97 7.68 -14.53
CA LEU C 65 13.16 6.83 -14.41
C LEU C 65 14.44 7.62 -14.65
N ASP C 66 14.32 8.93 -14.69
CA ASP C 66 15.44 9.81 -15.06
C ASP C 66 16.18 9.23 -16.26
N LEU C 67 15.46 9.08 -17.37
CA LEU C 67 16.07 8.52 -18.56
C LEU C 67 16.13 9.53 -19.69
N THR C 68 17.24 9.51 -20.42
CA THR C 68 17.38 10.37 -21.58
C THR C 68 17.26 9.58 -22.89
N LEU C 69 16.11 9.74 -23.54
CA LEU C 69 15.79 9.02 -24.75
C LEU C 69 15.70 9.94 -25.96
N THR C 70 16.32 9.50 -27.05
CA THR C 70 16.18 10.16 -28.33
C THR C 70 15.10 9.44 -29.13
N PRO C 71 14.29 10.18 -29.88
CA PRO C 71 13.35 9.52 -30.79
C PRO C 71 14.08 8.67 -31.81
N ILE C 72 13.35 7.78 -32.45
CA ILE C 72 13.97 6.77 -33.29
C ILE C 72 14.04 7.23 -34.74
N SER C 73 15.16 6.89 -35.39
CA SER C 73 15.36 7.24 -36.79
C SER C 73 14.83 6.14 -37.69
N GLY C 74 14.25 6.52 -38.83
CA GLY C 74 13.83 5.55 -39.81
C GLY C 74 14.82 4.39 -39.99
N ASP C 75 16.10 4.72 -40.10
CA ASP C 75 17.11 3.69 -40.36
C ASP C 75 17.24 2.73 -39.18
N GLU C 76 16.96 3.23 -37.99
CA GLU C 76 16.97 2.42 -36.78
C GLU C 76 15.76 1.50 -36.77
N CYS C 77 14.65 2.01 -37.31
CA CYS C 77 13.38 1.29 -37.27
C CYS C 77 13.50 -0.15 -37.81
N LYS C 78 14.41 -0.37 -38.76
CA LYS C 78 14.65 -1.72 -39.21
C LYS C 78 15.40 -2.51 -38.15
N THR C 79 16.37 -1.87 -37.51
CA THR C 79 17.20 -2.54 -36.52
C THR C 79 16.40 -3.03 -35.33
N HIS C 80 15.25 -2.40 -35.08
CA HIS C 80 14.49 -2.67 -33.86
C HIS C 80 13.11 -3.29 -34.08
N ALA C 81 12.80 -3.63 -35.32
CA ALA C 81 11.50 -4.22 -35.65
C ALA C 81 11.10 -5.27 -34.65
N SER C 82 12.05 -6.14 -34.31
CA SER C 82 11.80 -7.22 -33.38
C SER C 82 11.29 -6.69 -32.03
N SER C 83 12.08 -5.83 -31.38
CA SER C 83 11.72 -5.26 -30.09
C SER C 83 10.41 -4.48 -30.18
N ILE C 84 10.23 -3.75 -31.26
CA ILE C 84 9.04 -2.97 -31.45
C ILE C 84 7.81 -3.86 -31.31
N ALA C 85 7.93 -5.09 -31.82
CA ALA C 85 6.79 -5.98 -31.83
C ALA C 85 6.53 -6.48 -30.43
N GLU C 86 7.59 -6.98 -29.79
CA GLU C 86 7.48 -7.41 -28.40
C GLU C 86 6.73 -6.35 -27.60
N GLN C 87 7.26 -5.12 -27.61
CA GLN C 87 6.72 -4.11 -26.73
C GLN C 87 5.30 -3.74 -27.11
N LEU C 88 5.04 -3.64 -28.40
CA LEU C 88 3.69 -3.33 -28.85
C LEU C 88 2.72 -4.37 -28.36
N ALA C 89 3.21 -5.60 -28.24
CA ALA C 89 2.39 -6.71 -27.77
C ALA C 89 2.04 -6.50 -26.32
N SER C 90 3.08 -6.31 -25.50
CA SER C 90 2.93 -6.10 -24.08
C SER C 90 1.89 -5.02 -23.80
N VAL C 91 2.02 -3.89 -24.47
CA VAL C 91 1.10 -2.79 -24.28
C VAL C 91 -0.33 -3.25 -24.45
N ASP C 92 -0.56 -4.10 -25.43
CA ASP C 92 -1.91 -4.54 -25.68
C ASP C 92 -2.36 -5.38 -24.50
N ILE C 93 -1.51 -6.31 -24.09
CA ILE C 93 -1.82 -7.16 -22.95
C ILE C 93 -2.10 -6.30 -21.72
N ILE C 94 -1.29 -5.26 -21.53
CA ILE C 94 -1.51 -4.34 -20.42
C ILE C 94 -2.87 -3.65 -20.60
N LYS C 95 -3.08 -3.00 -21.74
CA LYS C 95 -4.34 -2.32 -21.96
C LYS C 95 -5.52 -3.26 -21.76
N GLU C 96 -5.32 -4.54 -22.06
CA GLU C 96 -6.42 -5.51 -22.08
C GLU C 96 -7.00 -5.80 -20.69
N ASP C 97 -6.12 -6.05 -19.73
CA ASP C 97 -6.55 -6.32 -18.37
C ASP C 97 -5.45 -5.89 -17.40
N ILE C 98 -5.49 -4.62 -17.02
CA ILE C 98 -4.44 -4.05 -16.20
C ILE C 98 -4.37 -4.80 -14.90
N SER C 99 -5.54 -4.96 -14.28
CA SER C 99 -5.63 -5.64 -13.00
C SER C 99 -4.92 -6.99 -13.07
N GLU C 100 -5.15 -7.73 -14.15
CA GLU C 100 -4.52 -9.03 -14.29
C GLU C 100 -3.03 -8.84 -14.49
N TYR C 101 -2.65 -7.84 -15.27
CA TYR C 101 -1.22 -7.62 -15.51
C TYR C 101 -0.46 -7.42 -14.21
N ILE C 102 -1.02 -6.60 -13.32
CA ILE C 102 -0.37 -6.34 -12.06
C ILE C 102 -0.25 -7.60 -11.24
N LYS C 103 -1.35 -8.30 -11.03
CA LYS C 103 -1.33 -9.54 -10.23
C LYS C 103 -0.26 -10.49 -10.73
N THR C 104 -0.09 -10.51 -12.06
CA THR C 104 0.74 -11.48 -12.73
C THR C 104 2.21 -11.09 -12.72
N THR C 105 2.48 -9.81 -12.50
CA THR C 105 3.85 -9.34 -12.55
C THR C 105 4.34 -8.93 -11.17
N PRO C 106 5.15 -9.78 -10.55
CA PRO C 106 5.57 -9.60 -9.16
C PRO C 106 6.13 -8.20 -8.89
N ARG C 107 7.09 -7.74 -9.69
CA ARG C 107 7.67 -6.43 -9.43
C ARG C 107 6.58 -5.36 -9.29
N LEU C 108 5.57 -5.41 -10.15
CA LEU C 108 4.51 -4.42 -10.08
C LEU C 108 3.63 -4.60 -8.86
N LYS C 109 3.33 -5.85 -8.49
CA LYS C 109 2.52 -6.07 -7.29
C LYS C 109 3.22 -5.46 -6.07
N ARG C 110 4.50 -5.78 -5.90
CA ARG C 110 5.31 -5.20 -4.84
C ARG C 110 5.21 -3.69 -4.80
N PHE C 111 5.50 -3.07 -5.93
CA PHE C 111 5.47 -1.63 -6.03
C PHE C 111 4.11 -1.07 -5.59
N ILE C 112 3.01 -1.68 -6.03
CA ILE C 112 1.72 -1.19 -5.56
C ILE C 112 1.63 -1.33 -4.06
N LYS C 113 2.11 -2.44 -3.52
CA LYS C 113 2.11 -2.61 -2.07
C LYS C 113 2.90 -1.46 -1.45
N LYS C 114 4.21 -1.42 -1.70
CA LYS C 114 5.03 -0.38 -1.09
C LYS C 114 4.48 1.01 -1.34
N TYR C 115 3.78 1.20 -2.43
CA TYR C 115 3.20 2.52 -2.71
C TYR C 115 2.11 2.90 -1.70
N ARG C 116 1.35 1.92 -1.25
CA ARG C 116 0.28 2.15 -0.30
C ARG C 116 0.74 1.95 1.14
N ASN C 117 1.60 2.85 1.60
CA ASN C 117 2.01 2.89 3.00
C ASN C 117 1.65 4.20 3.70
N MET D 4 -9.86 -28.70 13.87
CA MET D 4 -10.20 -27.28 14.01
C MET D 4 -9.49 -26.66 15.19
N ASP D 5 -8.56 -25.76 14.90
CA ASP D 5 -7.79 -25.04 15.94
C ASP D 5 -8.64 -24.45 17.08
N LYS D 6 -8.40 -24.89 18.32
CA LYS D 6 -9.25 -24.48 19.43
C LYS D 6 -9.19 -22.99 19.69
N ARG D 7 -7.99 -22.43 19.57
CA ARG D 7 -7.83 -21.01 19.88
C ARG D 7 -8.67 -20.14 18.95
N MET D 8 -8.55 -20.40 17.66
CA MET D 8 -9.31 -19.65 16.68
C MET D 8 -10.80 -19.77 16.95
N LYS D 9 -11.27 -20.99 17.18
CA LYS D 9 -12.68 -21.20 17.35
C LYS D 9 -13.12 -20.30 18.49
N SER D 10 -12.29 -20.26 19.53
CA SER D 10 -12.66 -19.53 20.74
C SER D 10 -12.79 -18.03 20.47
N LEU D 11 -11.72 -17.46 19.92
CA LEU D 11 -11.78 -16.07 19.55
C LEU D 11 -13.03 -15.74 18.73
N ALA D 12 -13.34 -16.57 17.73
CA ALA D 12 -14.43 -16.27 16.82
C ALA D 12 -15.76 -16.26 17.54
N MET D 13 -15.84 -17.03 18.61
CA MET D 13 -17.08 -17.16 19.34
C MET D 13 -17.12 -16.25 20.57
N THR D 14 -15.96 -15.77 21.01
CA THR D 14 -15.91 -14.86 22.16
C THR D 14 -15.57 -13.42 21.77
N ALA D 15 -14.27 -13.12 21.67
CA ALA D 15 -13.81 -11.76 21.38
C ALA D 15 -14.40 -11.17 20.10
N PHE D 16 -14.73 -11.99 19.12
CA PHE D 16 -15.24 -11.48 17.86
C PHE D 16 -16.62 -12.04 17.54
N PHE D 17 -17.30 -12.49 18.58
CA PHE D 17 -18.62 -13.03 18.41
C PHE D 17 -19.47 -12.18 17.48
N GLY D 18 -19.94 -12.78 16.40
CA GLY D 18 -20.78 -12.11 15.43
C GLY D 18 -20.09 -11.18 14.42
N GLU D 19 -18.84 -10.81 14.66
CA GLU D 19 -18.13 -9.93 13.75
C GLU D 19 -17.59 -10.65 12.50
N LEU D 20 -17.52 -11.98 12.52
CA LEU D 20 -16.84 -12.67 11.41
C LEU D 20 -17.74 -13.42 10.43
N SER D 21 -17.47 -13.21 9.15
CA SER D 21 -18.17 -13.90 8.09
C SER D 21 -17.38 -15.12 7.69
N THR D 22 -18.00 -15.93 6.84
CA THR D 22 -17.39 -17.16 6.43
C THR D 22 -16.12 -16.91 5.59
N LEU D 23 -16.13 -15.84 4.80
CA LEU D 23 -14.94 -15.44 4.04
C LEU D 23 -13.87 -15.01 5.01
N ASP D 24 -14.31 -14.35 6.07
CA ASP D 24 -13.38 -13.87 7.07
C ASP D 24 -12.55 -15.03 7.60
N ILE D 25 -13.23 -16.11 7.94
CA ILE D 25 -12.57 -17.25 8.53
C ILE D 25 -11.61 -17.84 7.52
N MET D 26 -12.08 -17.93 6.28
CA MET D 26 -11.26 -18.46 5.19
C MET D 26 -9.96 -17.65 5.09
N ALA D 27 -10.07 -16.34 5.22
CA ALA D 27 -8.93 -15.45 5.16
C ALA D 27 -7.99 -15.72 6.33
N LEU D 28 -8.53 -15.72 7.53
CA LEU D 28 -7.71 -15.92 8.72
C LEU D 28 -6.91 -17.22 8.65
N ILE D 29 -7.61 -18.29 8.33
CA ILE D 29 -6.97 -19.58 8.16
C ILE D 29 -5.82 -19.54 7.17
N MET D 30 -6.03 -18.85 6.06
CA MET D 30 -4.96 -18.69 5.09
C MET D 30 -3.81 -17.93 5.72
N SER D 31 -4.13 -16.78 6.29
CA SER D 31 -3.11 -15.88 6.84
C SER D 31 -2.32 -16.50 7.97
N ILE D 32 -3.02 -17.15 8.88
CA ILE D 32 -2.39 -17.71 10.07
C ILE D 32 -1.75 -19.08 9.86
N PHE D 33 -2.47 -20.00 9.26
CA PHE D 33 -1.98 -21.35 9.05
C PHE D 33 -1.54 -21.60 7.61
N LYS D 34 -1.49 -20.55 6.80
CA LYS D 34 -1.10 -20.71 5.41
C LYS D 34 -1.74 -21.97 4.84
N ARG D 35 -3.00 -22.24 5.20
CA ARG D 35 -3.74 -23.36 4.62
C ARG D 35 -4.96 -22.88 3.78
N HIS D 36 -5.18 -23.53 2.64
CA HIS D 36 -6.25 -23.14 1.71
C HIS D 36 -7.39 -24.15 1.66
N PRO D 37 -8.59 -23.69 1.27
CA PRO D 37 -9.75 -24.59 1.19
C PRO D 37 -9.55 -25.64 0.11
N ASN D 38 -10.12 -26.82 0.33
CA ASN D 38 -10.11 -27.84 -0.70
C ASN D 38 -11.13 -27.47 -1.75
N ASN D 39 -12.16 -26.75 -1.32
CA ASN D 39 -13.24 -26.40 -2.23
C ASN D 39 -14.31 -25.50 -1.60
N THR D 40 -15.29 -25.16 -2.42
CA THR D 40 -16.18 -24.08 -2.11
C THR D 40 -17.58 -24.63 -2.10
N ILE D 41 -18.47 -23.99 -1.34
CA ILE D 41 -19.82 -24.52 -1.19
C ILE D 41 -20.83 -23.40 -1.10
N PHE D 42 -21.58 -23.18 -2.17
CA PHE D 42 -22.59 -22.13 -2.17
C PHE D 42 -23.71 -22.50 -1.22
N SER D 43 -23.98 -21.64 -0.26
CA SER D 43 -24.88 -22.02 0.84
C SER D 43 -25.79 -20.92 1.36
N VAL D 44 -26.65 -21.29 2.28
CA VAL D 44 -27.53 -20.29 2.85
C VAL D 44 -27.93 -20.63 4.28
N ASP D 45 -28.14 -19.59 5.09
CA ASP D 45 -28.32 -19.76 6.53
C ASP D 45 -29.79 -19.80 6.94
N LYS D 46 -30.01 -19.86 8.25
CA LYS D 46 -31.36 -19.86 8.80
C LYS D 46 -32.22 -18.80 8.14
N ASP D 47 -31.79 -17.54 8.18
CA ASP D 47 -32.57 -16.42 7.69
C ASP D 47 -32.48 -16.23 6.17
N GLY D 48 -31.89 -17.20 5.47
CA GLY D 48 -31.80 -17.12 4.02
C GLY D 48 -30.79 -16.12 3.46
N GLN D 49 -29.81 -15.75 4.27
CA GLN D 49 -28.73 -14.92 3.78
C GLN D 49 -27.75 -15.85 3.04
N PHE D 50 -27.31 -15.46 1.86
CA PHE D 50 -26.38 -16.29 1.11
C PHE D 50 -24.95 -16.16 1.57
N MET D 51 -24.19 -17.25 1.50
CA MET D 51 -22.75 -17.17 1.78
C MET D 51 -21.94 -18.37 1.28
N ILE D 52 -20.82 -18.08 0.67
CA ILE D 52 -19.89 -19.11 0.24
C ILE D 52 -19.28 -19.71 1.49
N ASP D 53 -19.31 -21.04 1.58
CA ASP D 53 -18.62 -21.74 2.67
C ASP D 53 -17.32 -22.34 2.13
N PHE D 54 -16.44 -22.80 3.01
CA PHE D 54 -15.16 -23.32 2.56
C PHE D 54 -14.84 -24.62 3.25
N GLU D 55 -14.64 -25.66 2.46
CA GLU D 55 -14.40 -26.99 3.01
C GLU D 55 -12.91 -27.29 3.13
N TYR D 56 -12.52 -27.81 4.29
CA TYR D 56 -11.14 -28.21 4.51
C TYR D 56 -11.07 -29.74 4.69
N ASP D 57 -9.97 -30.26 5.22
CA ASP D 57 -9.84 -31.69 5.47
C ASP D 57 -11.08 -32.37 6.05
N ASN D 58 -11.44 -32.01 7.27
CA ASN D 58 -12.67 -32.55 7.85
C ASN D 58 -13.54 -31.52 8.58
N TYR D 59 -13.60 -30.29 8.07
CA TYR D 59 -14.43 -29.25 8.69
C TYR D 59 -14.66 -28.08 7.75
N LYS D 60 -15.79 -27.41 7.92
CA LYS D 60 -16.12 -26.27 7.08
C LYS D 60 -15.88 -24.97 7.85
N ALA D 61 -15.57 -23.89 7.15
CA ALA D 61 -15.30 -22.62 7.82
C ALA D 61 -16.49 -22.21 8.67
N SER D 62 -17.68 -22.38 8.13
CA SER D 62 -18.90 -22.12 8.85
C SER D 62 -18.94 -22.73 10.26
N GLN D 63 -18.09 -23.73 10.49
CA GLN D 63 -18.11 -24.40 11.79
C GLN D 63 -17.38 -23.59 12.86
N TYR D 64 -16.32 -22.88 12.49
CA TYR D 64 -15.71 -21.97 13.43
C TYR D 64 -16.70 -20.94 13.94
N LEU D 65 -17.86 -20.84 13.31
CA LEU D 65 -18.83 -19.85 13.71
C LEU D 65 -20.10 -20.49 14.24
N ASP D 66 -20.03 -21.79 14.49
CA ASP D 66 -21.22 -22.56 14.90
C ASP D 66 -22.42 -22.18 14.07
N LEU D 67 -22.28 -22.33 12.75
CA LEU D 67 -23.35 -21.98 11.83
C LEU D 67 -23.94 -23.20 11.12
N THR D 68 -25.25 -23.16 10.97
CA THR D 68 -25.93 -24.25 10.28
C THR D 68 -26.41 -23.79 8.90
N LEU D 69 -25.69 -24.26 7.89
CA LEU D 69 -25.94 -23.88 6.51
C LEU D 69 -26.44 -25.03 5.68
N THR D 70 -27.50 -24.77 4.91
CA THR D 70 -27.96 -25.70 3.91
C THR D 70 -27.35 -25.33 2.56
N PRO D 71 -26.97 -26.32 1.75
CA PRO D 71 -26.56 -26.02 0.38
C PRO D 71 -27.68 -25.33 -0.41
N ILE D 72 -27.30 -24.70 -1.51
CA ILE D 72 -28.22 -23.83 -2.22
C ILE D 72 -28.96 -24.56 -3.32
N SER D 73 -30.23 -24.24 -3.49
CA SER D 73 -31.04 -24.89 -4.50
C SER D 73 -30.96 -24.11 -5.81
N GLY D 74 -30.99 -24.82 -6.93
CA GLY D 74 -31.05 -24.16 -8.22
C GLY D 74 -31.98 -22.95 -8.26
N ASP D 75 -33.18 -23.11 -7.75
CA ASP D 75 -34.16 -22.01 -7.75
C ASP D 75 -33.69 -20.80 -6.93
N GLU D 76 -32.94 -21.06 -5.87
CA GLU D 76 -32.40 -20.00 -5.04
C GLU D 76 -31.29 -19.28 -5.80
N CYS D 77 -30.57 -20.02 -6.63
CA CYS D 77 -29.41 -19.50 -7.34
C CYS D 77 -29.72 -18.23 -8.13
N LYS D 78 -30.94 -18.10 -8.62
CA LYS D 78 -31.33 -16.85 -9.25
C LYS D 78 -31.50 -15.76 -8.20
N THR D 79 -32.08 -16.11 -7.05
CA THR D 79 -32.34 -15.14 -5.99
C THR D 79 -31.07 -14.51 -5.44
N HIS D 80 -29.96 -15.21 -5.56
CA HIS D 80 -28.74 -14.78 -4.92
C HIS D 80 -27.62 -14.39 -5.87
N ALA D 81 -27.91 -14.35 -7.17
CA ALA D 81 -26.91 -14.05 -8.19
C ALA D 81 -26.04 -12.89 -7.76
N SER D 82 -26.71 -11.85 -7.26
CA SER D 82 -26.03 -10.64 -6.84
C SER D 82 -24.97 -10.91 -5.76
N SER D 83 -25.40 -11.50 -4.66
CA SER D 83 -24.50 -11.83 -3.56
C SER D 83 -23.40 -12.75 -4.00
N ILE D 84 -23.74 -13.72 -4.85
CA ILE D 84 -22.78 -14.69 -5.32
C ILE D 84 -21.61 -13.98 -5.97
N ALA D 85 -21.92 -12.91 -6.69
CA ALA D 85 -20.90 -12.16 -7.40
C ALA D 85 -20.01 -11.42 -6.41
N GLU D 86 -20.63 -10.64 -5.53
CA GLU D 86 -19.89 -9.93 -4.49
C GLU D 86 -18.90 -10.87 -3.87
N GLN D 87 -19.39 -11.99 -3.34
CA GLN D 87 -18.52 -12.83 -2.57
C GLN D 87 -17.43 -13.48 -3.41
N LEU D 88 -17.80 -13.89 -4.61
CA LEU D 88 -16.85 -14.50 -5.50
C LEU D 88 -15.71 -13.52 -5.75
N ALA D 89 -16.07 -12.22 -5.72
CA ALA D 89 -15.11 -11.17 -5.99
C ALA D 89 -14.14 -11.13 -4.85
N SER D 90 -14.70 -10.98 -3.65
CA SER D 90 -13.92 -10.86 -2.44
C SER D 90 -12.89 -11.97 -2.38
N VAL D 91 -13.35 -13.21 -2.56
CA VAL D 91 -12.46 -14.36 -2.54
C VAL D 91 -11.24 -14.17 -3.44
N ASP D 92 -11.47 -13.58 -4.60
CA ASP D 92 -10.38 -13.38 -5.52
C ASP D 92 -9.43 -12.37 -4.92
N ILE D 93 -9.98 -11.24 -4.47
CA ILE D 93 -9.17 -10.24 -3.81
C ILE D 93 -8.37 -10.84 -2.66
N ILE D 94 -9.01 -11.70 -1.89
CA ILE D 94 -8.33 -12.35 -0.78
C ILE D 94 -7.23 -13.24 -1.32
N LYS D 95 -7.58 -14.14 -2.25
CA LYS D 95 -6.57 -15.05 -2.81
C LYS D 95 -5.39 -14.28 -3.42
N GLU D 96 -5.66 -13.07 -3.90
CA GLU D 96 -4.69 -12.28 -4.66
C GLU D 96 -3.51 -11.81 -3.79
N ASP D 97 -3.79 -11.28 -2.59
CA ASP D 97 -2.76 -10.76 -1.70
C ASP D 97 -3.29 -10.73 -0.27
N ILE D 98 -3.29 -11.91 0.33
CA ILE D 98 -3.82 -12.13 1.67
C ILE D 98 -3.26 -11.11 2.64
N SER D 99 -1.94 -10.99 2.63
CA SER D 99 -1.24 -10.05 3.50
C SER D 99 -1.88 -8.67 3.39
N GLU D 100 -2.14 -8.22 2.17
CA GLU D 100 -2.74 -6.91 1.97
C GLU D 100 -4.16 -6.92 2.51
N TYR D 101 -4.87 -8.01 2.26
CA TYR D 101 -6.25 -8.09 2.73
C TYR D 101 -6.37 -7.91 4.24
N ILE D 102 -5.49 -8.57 4.97
CA ILE D 102 -5.47 -8.44 6.42
C ILE D 102 -5.19 -6.99 6.86
N LYS D 103 -4.08 -6.43 6.38
CA LYS D 103 -3.72 -5.07 6.77
C LYS D 103 -4.88 -4.13 6.53
N THR D 104 -5.63 -4.40 5.47
CA THR D 104 -6.64 -3.48 4.98
C THR D 104 -7.94 -3.63 5.74
N THR D 105 -8.13 -4.79 6.37
CA THR D 105 -9.38 -5.06 7.04
C THR D 105 -9.21 -5.09 8.54
N PRO D 106 -9.68 -4.03 9.21
CA PRO D 106 -9.41 -3.83 10.65
C PRO D 106 -9.78 -5.03 11.51
N ARG D 107 -11.02 -5.52 11.38
CA ARG D 107 -11.44 -6.66 12.16
C ARG D 107 -10.41 -7.80 12.07
N LEU D 108 -9.90 -8.05 10.88
CA LEU D 108 -8.94 -9.13 10.71
C LEU D 108 -7.56 -8.84 11.33
N LYS D 109 -7.10 -7.59 11.20
CA LYS D 109 -5.85 -7.21 11.83
C LYS D 109 -5.94 -7.46 13.33
N ARG D 110 -6.97 -6.93 13.97
CA ARG D 110 -7.21 -7.14 15.38
C ARG D 110 -7.12 -8.61 15.75
N PHE D 111 -7.92 -9.41 15.06
CA PHE D 111 -7.98 -10.83 15.33
C PHE D 111 -6.57 -11.44 15.27
N ILE D 112 -5.79 -11.11 14.25
CA ILE D 112 -4.44 -11.65 14.23
C ILE D 112 -3.68 -11.21 15.47
N LYS D 113 -3.78 -9.93 15.82
CA LYS D 113 -3.15 -9.46 17.04
C LYS D 113 -3.61 -10.34 18.22
N LYS D 114 -4.87 -10.21 18.61
CA LYS D 114 -5.35 -10.97 19.76
C LYS D 114 -4.99 -12.47 19.66
N TYR D 115 -4.81 -12.98 18.44
CA TYR D 115 -4.50 -14.39 18.29
C TYR D 115 -3.08 -14.70 18.75
N ARG D 116 -2.20 -13.72 18.58
CA ARG D 116 -0.81 -13.89 18.99
C ARG D 116 -0.50 -13.28 20.38
N ASN D 117 -1.03 -13.87 21.45
CA ASN D 117 -0.70 -13.43 22.79
#